data_5Z45
#
_entry.id   5Z45
#
_cell.length_a   116.257
_cell.length_b   116.257
_cell.length_c   49.687
_cell.angle_alpha   90.00
_cell.angle_beta   90.00
_cell.angle_gamma   90.00
#
_symmetry.space_group_name_H-M   'P 41'
#
loop_
_entity.id
_entity.type
_entity.pdbx_description
1 polymer AmbP1
2 non-polymer 'GERANYL S-THIOLODIPHOSPHATE'
3 non-polymer 'MAGNESIUM ION'
4 non-polymer 3-[(Z)-2-isocyanoethenyl]-1H-indole
5 water water
#
_entity_poly.entity_id   1
_entity_poly.type   'polypeptide(L)'
_entity_poly.pdbx_seq_one_letter_code
;MNDVNRIRTDIINVAKTFGAEYSEKVLDEVFQVFGEQFADNSFMIRTSNKQPDKLGCYFRYHEEDESQLGLAWDIARKSG
LLSDQGRPVDQLIPEICETFPIMADGVDFDVKHGLAKIWQSIKGVVPVQDAFKLSLPASVTTHSDFLKNHHLDALYAFGI
DYHHSSVNLYFDTYHPKHHTSEYYKNLLQDLQFQPPSDELLELLTNNGEIALTFNFASPRIERLCFYLPFLNREAVPQNL
LNPLLKKYINEAPALVDNPGFILGWSFGPQGGKGTYTKVDVDYHGRTVPLFMKVHSQPLPKAADFALAQ
;
_entity_poly.pdbx_strand_id   A,B
#
loop_
_chem_comp.id
_chem_comp.type
_chem_comp.name
_chem_comp.formula
8XL non-polymer 3-[(Z)-2-isocyanoethenyl]-1H-indole 'C11 H8 N2'
GST non-polymer 'GERANYL S-THIOLODIPHOSPHATE' 'C10 H20 O6 P2 S'
MG non-polymer 'MAGNESIUM ION' 'Mg 2'
#
# COMPACT_ATOMS: atom_id res chain seq x y z
N MET A 1 -3.69 13.31 8.68
CA MET A 1 -4.41 13.86 7.53
C MET A 1 -5.32 12.81 6.88
N ASN A 2 -5.37 12.84 5.54
CA ASN A 2 -5.82 11.74 4.69
C ASN A 2 -5.18 10.42 5.04
N ASP A 3 -4.08 10.43 5.80
CA ASP A 3 -3.43 9.20 6.24
C ASP A 3 -4.41 8.27 6.95
N VAL A 4 -5.40 8.83 7.66
CA VAL A 4 -6.39 7.97 8.30
C VAL A 4 -7.26 7.29 7.26
N ASN A 5 -7.59 8.01 6.19
CA ASN A 5 -8.53 7.53 5.18
C ASN A 5 -7.88 6.50 4.25
N ARG A 6 -6.62 6.71 3.90
CA ARG A 6 -5.90 5.67 3.17
C ARG A 6 -5.96 4.36 3.93
N ILE A 7 -5.69 4.41 5.24
CA ILE A 7 -5.73 3.21 6.08
C ILE A 7 -7.11 2.57 6.01
N ARG A 8 -8.16 3.34 6.34
CA ARG A 8 -9.51 2.79 6.33
C ARG A 8 -9.89 2.21 4.98
N THR A 9 -9.56 2.92 3.89
CA THR A 9 -9.77 2.37 2.56
C THR A 9 -9.05 1.04 2.39
N ASP A 10 -7.82 0.95 2.87
CA ASP A 10 -7.04 -0.26 2.64
C ASP A 10 -7.64 -1.46 3.38
N ILE A 11 -8.05 -1.27 4.63
CA ILE A 11 -8.69 -2.36 5.36
C ILE A 11 -9.93 -2.85 4.62
N ILE A 12 -10.77 -1.92 4.15
CA ILE A 12 -12.02 -2.33 3.50
C ILE A 12 -11.73 -3.11 2.23
N ASN A 13 -10.75 -2.66 1.45
CA ASN A 13 -10.37 -3.40 0.25
C ASN A 13 -9.79 -4.77 0.63
N VAL A 14 -9.06 -4.86 1.74
CA VAL A 14 -8.53 -6.15 2.17
C VAL A 14 -9.66 -7.11 2.50
N ALA A 15 -10.61 -6.66 3.32
CA ALA A 15 -11.74 -7.53 3.66
C ALA A 15 -12.46 -7.98 2.40
N LYS A 16 -12.78 -7.04 1.51
CA LYS A 16 -13.54 -7.38 0.31
C LYS A 16 -12.79 -8.36 -0.58
N THR A 17 -11.49 -8.13 -0.80
CA THR A 17 -10.70 -9.07 -1.60
C THR A 17 -10.69 -10.46 -0.98
N PHE A 18 -10.48 -10.55 0.33
CA PHE A 18 -10.17 -11.85 0.94
C PHE A 18 -11.37 -12.48 1.66
N GLY A 19 -12.55 -11.89 1.54
CA GLY A 19 -13.75 -12.52 2.04
C GLY A 19 -13.84 -12.51 3.54
N ALA A 20 -13.54 -11.37 4.15
CA ALA A 20 -13.67 -11.20 5.59
C ALA A 20 -14.99 -10.51 5.91
N GLU A 21 -15.78 -11.13 6.78
CA GLU A 21 -16.95 -10.47 7.36
C GLU A 21 -16.56 -9.10 7.90
N TYR A 22 -17.25 -8.06 7.44
CA TYR A 22 -16.89 -6.72 7.91
C TYR A 22 -18.12 -5.86 8.00
N SER A 23 -18.02 -4.84 8.85
CA SER A 23 -19.06 -3.83 9.03
C SER A 23 -18.42 -2.46 8.96
N GLU A 24 -18.91 -1.60 8.06
CA GLU A 24 -18.45 -0.22 8.07
C GLU A 24 -19.01 0.55 9.26
N LYS A 25 -20.21 0.20 9.74
CA LYS A 25 -20.70 0.86 10.93
C LYS A 25 -19.70 0.70 12.06
N VAL A 26 -19.05 -0.47 12.12
CA VAL A 26 -18.09 -0.77 13.17
C VAL A 26 -16.75 -0.13 12.87
N LEU A 27 -16.32 -0.16 11.61
CA LEU A 27 -15.05 0.47 11.22
C LEU A 27 -15.08 1.98 11.43
N ASP A 28 -16.20 2.62 11.11
CA ASP A 28 -16.31 4.05 11.34
C ASP A 28 -16.13 4.37 12.82
N GLU A 29 -16.89 3.69 13.68
CA GLU A 29 -16.82 3.96 15.12
C GLU A 29 -15.40 3.74 15.64
N VAL A 30 -14.71 2.74 15.13
CA VAL A 30 -13.33 2.54 15.53
C VAL A 30 -12.47 3.72 15.08
N PHE A 31 -12.62 4.14 13.82
CA PHE A 31 -11.71 5.15 13.28
C PHE A 31 -11.97 6.53 13.88
N GLN A 32 -13.21 6.79 14.27
CA GLN A 32 -13.53 8.03 14.97
C GLN A 32 -12.67 8.19 16.22
N VAL A 33 -12.49 7.10 16.98
CA VAL A 33 -11.73 7.16 18.22
C VAL A 33 -10.24 6.89 18.01
N PHE A 34 -9.88 6.08 17.02
CA PHE A 34 -8.54 5.53 16.92
C PHE A 34 -7.82 5.81 15.60
N GLY A 35 -8.52 6.28 14.57
CA GLY A 35 -7.91 6.42 13.26
C GLY A 35 -6.57 7.13 13.30
N GLU A 36 -6.45 8.15 14.16
CA GLU A 36 -5.22 8.93 14.23
C GLU A 36 -4.07 8.13 14.83
N GLN A 37 -4.36 7.21 15.76
CA GLN A 37 -3.36 6.31 16.31
C GLN A 37 -2.86 5.30 15.27
N PHE A 38 -3.69 5.00 14.27
CA PHE A 38 -3.21 4.11 13.21
C PHE A 38 -2.24 4.83 12.29
N ALA A 39 -2.45 6.12 12.05
CA ALA A 39 -1.53 6.86 11.20
C ALA A 39 -0.22 7.17 11.91
N ASP A 40 -0.25 7.35 13.23
CA ASP A 40 0.92 7.87 13.93
C ASP A 40 1.73 6.81 14.67
N ASN A 41 1.30 5.56 14.71
CA ASN A 41 2.05 4.55 15.43
C ASN A 41 2.39 3.36 14.56
N SER A 42 3.19 2.47 15.14
CA SER A 42 3.39 1.15 14.57
C SER A 42 2.04 0.46 14.36
N PHE A 43 1.81 -0.04 13.16
CA PHE A 43 0.48 -0.43 12.73
C PHE A 43 0.58 -1.60 11.76
N MET A 44 -0.28 -2.60 11.95
CA MET A 44 -0.27 -3.77 11.10
C MET A 44 -1.70 -4.15 10.75
N ILE A 45 -1.85 -4.75 9.57
CA ILE A 45 -3.12 -5.32 9.11
C ILE A 45 -2.90 -6.81 8.96
N ARG A 46 -3.78 -7.60 9.58
CA ARG A 46 -3.61 -9.04 9.67
C ARG A 46 -4.74 -9.77 8.95
N THR A 47 -4.40 -10.93 8.40
CA THR A 47 -5.38 -11.89 7.97
C THR A 47 -4.95 -13.26 8.51
N SER A 48 -5.92 -14.17 8.63
CA SER A 48 -5.61 -15.48 9.17
C SER A 48 -6.52 -16.49 8.51
N ASN A 49 -6.00 -17.71 8.33
CA ASN A 49 -6.80 -18.75 7.69
C ASN A 49 -7.51 -19.61 8.73
N LYS A 50 -8.15 -18.93 9.70
CA LYS A 50 -8.83 -19.66 10.76
C LYS A 50 -9.90 -20.60 10.19
N GLN A 51 -10.49 -20.24 9.04
CA GLN A 51 -11.30 -21.05 8.16
C GLN A 51 -10.57 -21.20 6.83
N PRO A 52 -10.61 -22.38 6.19
CA PRO A 52 -9.72 -22.60 5.04
C PRO A 52 -10.03 -21.69 3.87
N ASP A 53 -11.30 -21.37 3.62
CA ASP A 53 -11.73 -20.72 2.40
C ASP A 53 -11.86 -19.21 2.54
N LYS A 54 -11.79 -18.68 3.76
CA LYS A 54 -11.98 -17.25 3.97
C LYS A 54 -11.07 -16.77 5.10
N LEU A 55 -10.31 -15.73 4.80
CA LEU A 55 -9.49 -15.10 5.82
C LEU A 55 -10.32 -14.10 6.59
N GLY A 56 -10.16 -14.10 7.89
CA GLY A 56 -10.62 -12.99 8.69
C GLY A 56 -9.60 -11.90 8.63
N CYS A 57 -10.02 -10.72 9.06
CA CYS A 57 -9.15 -9.55 8.91
C CYS A 57 -9.15 -8.75 10.19
N TYR A 58 -7.96 -8.39 10.65
CA TYR A 58 -7.78 -7.62 11.86
C TYR A 58 -6.85 -6.45 11.57
N PHE A 59 -6.90 -5.42 12.42
CA PHE A 59 -5.91 -4.36 12.34
C PHE A 59 -5.54 -3.96 13.76
N ARG A 60 -4.26 -3.68 13.98
CA ARG A 60 -3.68 -3.54 15.31
C ARG A 60 -2.71 -2.37 15.31
N TYR A 61 -2.49 -1.76 16.47
CA TYR A 61 -1.40 -0.80 16.59
C TYR A 61 -0.79 -0.86 17.98
N HIS A 62 0.51 -0.59 18.04
CA HIS A 62 1.26 -0.47 19.30
C HIS A 62 1.67 0.99 19.51
N GLU A 63 1.35 1.51 20.69
CA GLU A 63 1.81 2.82 21.14
C GLU A 63 3.01 2.63 22.08
N GLU A 64 4.13 3.24 21.74
CA GLU A 64 5.29 3.18 22.61
C GLU A 64 5.73 4.56 23.10
N ASP A 65 5.01 5.62 22.74
CA ASP A 65 5.31 6.93 23.28
C ASP A 65 4.93 6.91 24.76
N GLU A 66 5.92 7.06 25.64
CA GLU A 66 5.69 6.91 27.08
C GLU A 66 4.57 7.83 27.57
N SER A 67 4.57 9.09 27.13
CA SER A 67 3.55 10.04 27.56
C SER A 67 2.13 9.60 27.19
N GLN A 68 1.97 8.64 26.30
CA GLN A 68 0.66 8.24 25.81
C GLN A 68 0.20 6.90 26.38
N LEU A 69 0.95 6.31 27.30
CA LEU A 69 0.64 4.97 27.79
C LEU A 69 -0.58 4.99 28.70
N GLY A 70 -1.54 4.11 28.42
CA GLY A 70 -2.79 4.12 29.13
C GLY A 70 -3.88 4.88 28.45
N LEU A 71 -3.53 5.72 27.46
CA LEU A 71 -4.51 6.52 26.74
C LEU A 71 -5.45 5.63 25.93
N ALA A 72 -4.92 4.51 25.41
CA ALA A 72 -5.73 3.64 24.57
C ALA A 72 -6.87 3.02 25.36
N TRP A 73 -6.58 2.50 26.55
CA TRP A 73 -7.61 1.94 27.41
C TRP A 73 -8.55 3.02 27.91
N ASP A 74 -8.03 4.21 28.17
CA ASP A 74 -8.90 5.30 28.61
C ASP A 74 -9.85 5.72 27.48
N ILE A 75 -9.35 5.80 26.24
CA ILE A 75 -10.25 6.25 25.18
C ILE A 75 -11.13 5.10 24.69
N ALA A 76 -10.69 3.85 24.84
CA ALA A 76 -11.59 2.73 24.53
C ALA A 76 -12.74 2.65 25.52
N ARG A 77 -12.45 2.84 26.81
CA ARG A 77 -13.50 2.85 27.81
C ARG A 77 -14.40 4.06 27.62
N LYS A 78 -13.80 5.25 27.61
CA LYS A 78 -14.58 6.49 27.52
C LYS A 78 -15.44 6.51 26.26
N SER A 79 -14.87 6.09 25.12
CA SER A 79 -15.61 6.09 23.87
C SER A 79 -16.74 5.07 23.83
N GLY A 80 -16.69 4.05 24.68
CA GLY A 80 -17.66 2.98 24.62
C GLY A 80 -17.29 1.83 23.73
N LEU A 81 -16.15 1.88 23.02
CA LEU A 81 -15.71 0.77 22.19
C LEU A 81 -15.31 -0.44 23.01
N LEU A 82 -14.95 -0.23 24.28
CA LEU A 82 -14.74 -1.28 25.25
C LEU A 82 -15.62 -1.01 26.45
N SER A 83 -16.58 -1.88 26.70
CA SER A 83 -17.41 -1.80 27.89
C SER A 83 -16.89 -2.76 28.95
N ASP A 84 -17.44 -2.60 30.15
CA ASP A 84 -17.10 -3.39 31.33
C ASP A 84 -18.32 -4.27 31.62
N GLN A 85 -18.35 -5.46 31.04
CA GLN A 85 -19.48 -6.38 31.20
C GLN A 85 -19.30 -7.32 32.40
N GLY A 86 -18.47 -6.93 33.38
CA GLY A 86 -18.23 -7.72 34.56
C GLY A 86 -17.36 -8.96 34.40
N ARG A 87 -16.98 -9.32 33.17
CA ARG A 87 -16.32 -10.60 32.92
C ARG A 87 -14.89 -10.57 33.50
N PRO A 88 -14.32 -11.75 33.77
CA PRO A 88 -13.02 -11.79 34.47
C PRO A 88 -11.92 -11.02 33.77
N VAL A 89 -11.93 -10.91 32.43
CA VAL A 89 -10.90 -10.11 31.76
C VAL A 89 -11.06 -8.61 32.02
N ASP A 90 -12.22 -8.15 32.49
CA ASP A 90 -12.45 -6.71 32.59
C ASP A 90 -11.59 -6.04 33.64
N GLN A 91 -11.11 -6.78 34.62
CA GLN A 91 -10.26 -6.19 35.64
C GLN A 91 -8.78 -6.33 35.34
N LEU A 92 -8.39 -7.09 34.30
CA LEU A 92 -6.99 -7.48 34.14
C LEU A 92 -6.10 -6.28 33.80
N ILE A 93 -6.52 -5.43 32.86
CA ILE A 93 -5.69 -4.27 32.49
C ILE A 93 -5.45 -3.37 33.70
N PRO A 94 -6.47 -2.98 34.48
CA PRO A 94 -6.17 -2.22 35.72
C PRO A 94 -5.20 -2.93 36.66
N GLU A 95 -5.34 -4.25 36.83
CA GLU A 95 -4.43 -4.97 37.73
C GLU A 95 -2.99 -4.95 37.20
N ILE A 96 -2.82 -5.11 35.88
CA ILE A 96 -1.49 -5.15 35.27
C ILE A 96 -0.77 -3.84 35.49
N CYS A 97 -1.47 -2.71 35.28
CA CYS A 97 -0.83 -1.40 35.35
C CYS A 97 -0.41 -1.03 36.78
N GLU A 98 -1.09 -1.55 37.80
CA GLU A 98 -0.63 -1.34 39.17
C GLU A 98 0.58 -2.19 39.49
N THR A 99 0.66 -3.38 38.90
CA THR A 99 1.67 -4.35 39.32
C THR A 99 2.99 -4.12 38.59
N PHE A 100 2.93 -3.88 37.29
CA PHE A 100 4.16 -3.81 36.55
C PHE A 100 4.35 -2.44 35.93
N PRO A 101 5.60 -2.05 35.70
CA PRO A 101 5.86 -0.87 34.86
C PRO A 101 5.58 -1.23 33.41
N ILE A 102 4.82 -0.37 32.73
CA ILE A 102 4.36 -0.63 31.37
C ILE A 102 5.19 0.20 30.40
N MET A 103 5.65 -0.44 29.33
CA MET A 103 6.53 0.22 28.37
C MET A 103 5.91 0.39 27.00
N ALA A 104 4.91 -0.41 26.65
CA ALA A 104 4.16 -0.15 25.43
C ALA A 104 2.71 -0.62 25.59
N ASP A 105 1.84 0.03 24.82
CA ASP A 105 0.41 -0.23 24.75
C ASP A 105 0.09 -0.80 23.38
N GLY A 106 -1.08 -1.43 23.27
CA GLY A 106 -1.61 -1.84 21.98
C GLY A 106 -3.07 -2.22 22.03
N VAL A 107 -3.81 -2.01 20.94
CA VAL A 107 -5.15 -2.58 20.86
C VAL A 107 -5.34 -3.25 19.50
N ASP A 108 -6.12 -4.33 19.51
CA ASP A 108 -6.38 -5.18 18.36
C ASP A 108 -7.84 -5.02 17.97
N PHE A 109 -8.11 -4.96 16.67
CA PHE A 109 -9.47 -4.71 16.20
C PHE A 109 -9.86 -5.75 15.17
N ASP A 110 -11.04 -6.33 15.37
CA ASP A 110 -11.66 -7.23 14.41
C ASP A 110 -12.48 -6.37 13.46
N VAL A 111 -12.34 -6.64 12.16
CA VAL A 111 -12.97 -5.77 11.18
C VAL A 111 -14.49 -5.89 11.21
N LYS A 112 -15.03 -7.03 11.68
CA LYS A 112 -16.47 -7.07 11.86
C LYS A 112 -16.88 -6.72 13.28
N HIS A 113 -16.13 -7.18 14.27
CA HIS A 113 -16.62 -7.12 15.63
C HIS A 113 -16.03 -5.98 16.44
N GLY A 114 -15.08 -5.24 15.89
CA GLY A 114 -14.55 -4.06 16.57
C GLY A 114 -13.40 -4.42 17.50
N LEU A 115 -13.25 -3.65 18.58
CA LEU A 115 -12.15 -3.79 19.52
C LEU A 115 -12.09 -5.19 20.11
N ALA A 116 -11.03 -5.92 19.78
CA ALA A 116 -10.92 -7.31 20.21
C ALA A 116 -9.94 -7.52 21.37
N LYS A 117 -8.83 -6.77 21.43
CA LYS A 117 -7.76 -7.11 22.35
C LYS A 117 -7.02 -5.86 22.79
N ILE A 118 -6.46 -5.91 24.01
CA ILE A 118 -5.54 -4.87 24.51
C ILE A 118 -4.25 -5.53 24.96
N TRP A 119 -3.12 -4.92 24.63
CA TRP A 119 -1.81 -5.46 24.99
C TRP A 119 -1.11 -4.55 25.99
N GLN A 120 -0.36 -5.17 26.88
CA GLN A 120 0.57 -4.47 27.76
C GLN A 120 1.90 -5.21 27.68
N SER A 121 2.98 -4.48 27.43
CA SER A 121 4.31 -5.07 27.38
C SER A 121 5.14 -4.53 28.53
N ILE A 122 5.70 -5.43 29.34
CA ILE A 122 6.35 -5.03 30.58
C ILE A 122 7.61 -4.22 30.28
N LYS A 123 7.96 -3.32 31.19
CA LYS A 123 9.31 -2.74 31.19
C LYS A 123 10.27 -3.84 31.63
N GLY A 124 10.95 -4.47 30.67
CA GLY A 124 11.83 -5.58 30.99
C GLY A 124 11.09 -6.90 31.11
N VAL A 125 11.86 -7.92 31.42
CA VAL A 125 11.35 -9.28 31.54
C VAL A 125 11.11 -9.57 33.02
N VAL A 126 10.02 -10.27 33.33
CA VAL A 126 9.75 -10.68 34.70
C VAL A 126 9.57 -12.20 34.75
N PRO A 127 9.92 -12.85 35.87
CA PRO A 127 9.53 -14.26 36.04
C PRO A 127 8.01 -14.40 36.01
N VAL A 128 7.52 -15.34 35.20
CA VAL A 128 6.08 -15.54 35.05
C VAL A 128 5.36 -15.69 36.41
N GLN A 129 6.05 -16.21 37.43
CA GLN A 129 5.43 -16.34 38.76
C GLN A 129 4.97 -15.00 39.32
N ASP A 130 5.64 -13.91 38.96
CA ASP A 130 5.20 -12.59 39.41
C ASP A 130 3.79 -12.26 38.92
N ALA A 131 3.35 -12.88 37.82
CA ALA A 131 2.00 -12.65 37.28
C ALA A 131 0.93 -13.43 38.04
N PHE A 132 1.31 -14.42 38.83
CA PHE A 132 0.33 -15.32 39.44
C PHE A 132 -0.62 -14.61 40.40
N LYS A 133 -0.24 -13.44 40.92
CA LYS A 133 -1.13 -12.70 41.81
C LYS A 133 -2.26 -11.98 41.09
N LEU A 134 -2.25 -11.94 39.76
CA LEU A 134 -3.35 -11.33 39.02
C LEU A 134 -4.53 -12.30 38.94
N SER A 135 -5.69 -11.75 38.60
CA SER A 135 -6.88 -12.58 38.42
C SER A 135 -6.83 -13.29 37.07
N LEU A 136 -5.70 -13.95 36.79
CA LEU A 136 -5.50 -14.67 35.53
C LEU A 136 -6.30 -15.95 35.59
N PRO A 137 -6.45 -16.65 34.48
CA PRO A 137 -7.12 -17.95 34.55
C PRO A 137 -6.35 -18.91 35.45
N ALA A 138 -7.08 -19.83 36.08
CA ALA A 138 -6.42 -20.83 36.92
C ALA A 138 -5.42 -21.68 36.16
N SER A 139 -5.55 -21.77 34.84
CA SER A 139 -4.65 -22.62 34.08
C SER A 139 -3.23 -22.06 34.03
N VAL A 140 -3.02 -20.76 34.26
CA VAL A 140 -1.65 -20.24 34.34
C VAL A 140 -0.94 -20.84 35.55
N THR A 141 -1.54 -20.73 36.73
CA THR A 141 -0.92 -21.24 37.95
C THR A 141 -0.76 -22.76 37.90
N THR A 142 -1.81 -23.48 37.51
CA THR A 142 -1.71 -24.95 37.46
C THR A 142 -0.64 -25.43 36.48
N HIS A 143 -0.18 -24.57 35.55
CA HIS A 143 0.86 -24.91 34.57
C HIS A 143 2.21 -24.30 34.92
N SER A 144 2.36 -23.77 36.13
CA SER A 144 3.63 -23.16 36.54
C SER A 144 4.80 -24.10 36.27
N ASP A 145 4.63 -25.38 36.57
CA ASP A 145 5.74 -26.31 36.41
C ASP A 145 6.01 -26.58 34.94
N PHE A 146 4.95 -26.74 34.15
CA PHE A 146 5.14 -26.84 32.70
C PHE A 146 5.90 -25.63 32.16
N LEU A 147 5.45 -24.43 32.54
CA LEU A 147 6.12 -23.20 32.11
C LEU A 147 7.60 -23.23 32.47
N LYS A 148 7.92 -23.48 33.73
CA LYS A 148 9.32 -23.62 34.13
C LYS A 148 10.00 -24.68 33.29
N ASN A 149 9.37 -25.85 33.13
CA ASN A 149 10.04 -26.98 32.50
C ASN A 149 10.32 -26.76 31.02
N HIS A 150 9.61 -25.85 30.37
CA HIS A 150 9.88 -25.58 28.96
C HIS A 150 10.40 -24.16 28.75
N HIS A 151 10.83 -23.50 29.84
CA HIS A 151 11.46 -22.18 29.76
C HIS A 151 10.51 -21.17 29.13
N LEU A 152 9.20 -21.37 29.32
CA LEU A 152 8.21 -20.32 29.13
C LEU A 152 8.15 -19.50 30.41
N ASP A 153 9.33 -19.09 30.85
CA ASP A 153 9.75 -18.56 32.13
C ASP A 153 9.67 -17.04 32.16
N ALA A 154 10.03 -16.43 31.05
CA ALA A 154 10.41 -15.02 31.04
C ALA A 154 9.24 -14.28 30.41
N LEU A 155 8.34 -13.80 31.27
CA LEU A 155 7.14 -13.09 30.84
C LEU A 155 7.49 -11.65 30.48
N TYR A 156 6.98 -11.18 29.34
CA TYR A 156 7.20 -9.80 28.94
C TYR A 156 5.93 -9.08 28.49
N ALA A 157 4.84 -9.78 28.19
CA ALA A 157 3.66 -9.04 27.77
C ALA A 157 2.41 -9.85 27.99
N PHE A 158 1.30 -9.13 28.00
CA PHE A 158 -0.05 -9.64 28.12
C PHE A 158 -0.87 -9.20 26.91
N GLY A 159 -1.74 -10.10 26.45
CA GLY A 159 -2.87 -9.74 25.61
C GLY A 159 -4.17 -10.12 26.31
N ILE A 160 -5.07 -9.14 26.40
CA ILE A 160 -6.38 -9.37 27.01
C ILE A 160 -7.42 -9.37 25.88
N ASP A 161 -7.98 -10.54 25.61
CA ASP A 161 -8.95 -10.74 24.54
C ASP A 161 -10.33 -10.63 25.17
N TYR A 162 -10.98 -9.48 24.99
CA TYR A 162 -12.34 -9.32 25.50
C TYR A 162 -13.37 -10.04 24.64
N HIS A 163 -13.04 -10.36 23.38
CA HIS A 163 -13.97 -11.13 22.57
C HIS A 163 -14.06 -12.57 23.07
N HIS A 164 -12.93 -13.23 23.28
CA HIS A 164 -12.93 -14.63 23.69
C HIS A 164 -12.69 -14.81 25.19
N SER A 165 -12.61 -13.72 25.97
CA SER A 165 -12.28 -13.75 27.39
C SER A 165 -11.15 -14.73 27.67
N SER A 166 -10.03 -14.50 27.00
CA SER A 166 -8.83 -15.30 27.17
C SER A 166 -7.66 -14.37 27.42
N VAL A 167 -6.51 -14.97 27.73
CA VAL A 167 -5.32 -14.21 28.04
C VAL A 167 -4.13 -14.85 27.31
N ASN A 168 -3.42 -14.05 26.53
CA ASN A 168 -2.15 -14.43 25.95
C ASN A 168 -1.02 -13.97 26.86
N LEU A 169 -0.18 -14.91 27.26
CA LEU A 169 1.09 -14.59 27.90
C LEU A 169 2.22 -14.69 26.86
N TYR A 170 3.06 -13.66 26.78
CA TYR A 170 4.13 -13.61 25.79
C TYR A 170 5.49 -13.77 26.48
N PHE A 171 6.31 -14.70 25.96
CA PHE A 171 7.54 -15.11 26.59
C PHE A 171 8.74 -14.84 25.70
N ASP A 172 9.80 -14.32 26.31
CA ASP A 172 11.02 -14.08 25.58
C ASP A 172 11.83 -15.37 25.50
N THR A 173 12.52 -15.57 24.37
CA THR A 173 13.23 -16.82 24.08
C THR A 173 14.69 -16.72 24.54
N TYR A 174 14.88 -16.89 25.84
CA TYR A 174 16.16 -16.56 26.48
C TYR A 174 17.15 -17.73 26.48
N HIS A 175 16.63 -18.97 26.44
CA HIS A 175 17.32 -20.24 26.65
C HIS A 175 17.92 -20.77 25.35
N PRO A 176 19.10 -21.39 25.39
CA PRO A 176 19.64 -22.03 24.17
C PRO A 176 18.72 -23.07 23.56
N LYS A 177 17.84 -23.70 24.35
CA LYS A 177 16.89 -24.65 23.77
C LYS A 177 15.92 -23.98 22.80
N HIS A 178 15.62 -22.68 22.99
CA HIS A 178 14.70 -21.91 22.16
C HIS A 178 15.19 -21.68 20.74
N HIS A 179 16.41 -22.07 20.42
CA HIS A 179 16.92 -21.95 19.07
C HIS A 179 17.25 -23.32 18.47
N THR A 180 16.71 -24.38 19.06
CA THR A 180 16.78 -25.71 18.45
C THR A 180 15.36 -26.13 18.05
N SER A 181 15.25 -26.70 16.84
CA SER A 181 13.95 -27.18 16.38
C SER A 181 13.38 -28.24 17.33
N GLU A 182 14.23 -29.14 17.83
CA GLU A 182 13.80 -30.23 18.69
C GLU A 182 12.94 -29.73 19.85
N TYR A 183 13.21 -28.53 20.34
CA TYR A 183 12.45 -28.01 21.48
C TYR A 183 10.99 -27.77 21.11
N TYR A 184 10.75 -27.22 19.91
CA TYR A 184 9.41 -26.89 19.47
C TYR A 184 8.60 -28.14 19.14
N LYS A 185 9.23 -29.13 18.49
CA LYS A 185 8.62 -30.45 18.34
C LYS A 185 8.24 -31.05 19.69
N ASN A 186 9.12 -30.97 20.68
CA ASN A 186 8.83 -31.59 21.97
C ASN A 186 7.83 -30.77 22.79
N LEU A 187 7.84 -29.45 22.64
CA LEU A 187 6.83 -28.62 23.30
C LEU A 187 5.43 -28.93 22.76
N LEU A 188 5.31 -28.94 21.44
CA LEU A 188 4.04 -29.25 20.80
C LEU A 188 3.57 -30.66 21.13
N GLN A 189 4.51 -31.61 21.25
CA GLN A 189 4.16 -32.97 21.62
C GLN A 189 3.67 -33.04 23.06
N ASP A 190 4.39 -32.35 23.98
CA ASP A 190 3.99 -32.29 25.38
C ASP A 190 2.60 -31.69 25.54
N LEU A 191 2.18 -30.81 24.62
CA LEU A 191 0.86 -30.21 24.68
C LEU A 191 -0.18 -31.03 23.96
N GLN A 192 0.25 -32.08 23.25
CA GLN A 192 -0.60 -32.84 22.36
C GLN A 192 -1.23 -31.94 21.31
N PHE A 193 -0.45 -30.96 20.85
CA PHE A 193 -0.90 -30.10 19.77
C PHE A 193 -0.51 -30.70 18.42
N GLN A 194 -1.16 -30.20 17.36
CA GLN A 194 -0.80 -30.56 15.99
C GLN A 194 0.71 -30.44 15.78
N PRO A 195 1.38 -31.51 15.36
CA PRO A 195 2.82 -31.39 15.08
C PRO A 195 3.07 -30.47 13.89
N PRO A 196 4.15 -29.72 13.90
CA PRO A 196 4.45 -28.81 12.79
C PRO A 196 5.18 -29.51 11.65
N SER A 197 5.18 -28.86 10.49
CA SER A 197 5.91 -29.37 9.35
C SER A 197 7.42 -29.35 9.61
N ASP A 198 8.17 -30.01 8.74
CA ASP A 198 9.61 -29.95 8.87
C ASP A 198 10.15 -28.59 8.45
N GLU A 199 9.57 -27.97 7.41
CA GLU A 199 10.00 -26.63 7.00
C GLU A 199 9.89 -25.66 8.17
N LEU A 200 8.78 -25.71 8.90
CA LEU A 200 8.54 -24.78 9.99
C LEU A 200 9.48 -25.04 11.17
N LEU A 201 9.72 -26.31 11.47
CA LEU A 201 10.66 -26.64 12.54
C LEU A 201 12.05 -26.08 12.26
N GLU A 202 12.46 -26.07 11.00
CA GLU A 202 13.75 -25.46 10.69
C GLU A 202 13.68 -23.96 10.89
N LEU A 203 12.61 -23.31 10.41
CA LEU A 203 12.48 -21.87 10.59
C LEU A 203 12.40 -21.49 12.06
N LEU A 204 11.72 -22.32 12.87
CA LEU A 204 11.51 -21.98 14.27
C LEU A 204 12.83 -21.87 15.03
N THR A 205 13.93 -22.37 14.48
CA THR A 205 15.23 -22.22 15.12
C THR A 205 15.59 -20.74 15.30
N ASN A 206 15.10 -19.88 14.42
CA ASN A 206 15.33 -18.45 14.56
C ASN A 206 14.24 -17.75 15.36
N ASN A 207 13.26 -18.50 15.89
CA ASN A 207 12.06 -17.95 16.51
C ASN A 207 12.41 -16.89 17.54
N GLY A 208 11.49 -15.94 17.69
CA GLY A 208 11.74 -14.80 18.54
C GLY A 208 10.80 -14.75 19.72
N GLU A 209 9.49 -14.90 19.47
CA GLU A 209 8.49 -14.83 20.53
C GLU A 209 7.63 -16.09 20.54
N ILE A 210 7.29 -16.54 21.74
CA ILE A 210 6.35 -17.62 21.98
C ILE A 210 5.21 -17.07 22.82
N ALA A 211 3.97 -17.34 22.41
CA ALA A 211 2.78 -16.92 23.14
C ALA A 211 1.93 -18.14 23.50
N LEU A 212 1.29 -18.08 24.68
CA LEU A 212 0.34 -19.11 25.12
C LEU A 212 -0.99 -18.46 25.49
N THR A 213 -2.09 -19.16 25.17
CA THR A 213 -3.43 -18.67 25.45
C THR A 213 -4.07 -19.48 26.57
N PHE A 214 -4.55 -18.78 27.59
CA PHE A 214 -5.35 -19.36 28.65
C PHE A 214 -6.72 -18.71 28.64
N ASN A 215 -7.75 -19.48 28.96
CA ASN A 215 -9.08 -18.92 29.14
C ASN A 215 -9.67 -19.37 30.47
N PHE A 216 -10.64 -18.60 30.94
CA PHE A 216 -11.23 -18.89 32.24
C PHE A 216 -12.18 -20.06 32.19
N ALA A 217 -12.57 -20.50 30.99
CA ALA A 217 -13.47 -21.65 30.88
C ALA A 217 -12.73 -22.98 30.86
N SER A 218 -11.42 -22.97 30.65
CA SER A 218 -10.73 -24.23 30.45
C SER A 218 -9.60 -24.45 31.46
N PRO A 219 -9.45 -25.68 31.94
CA PRO A 219 -8.27 -26.03 32.74
C PRO A 219 -7.03 -26.24 31.90
N ARG A 220 -7.19 -26.20 30.58
CA ARG A 220 -6.17 -26.56 29.61
C ARG A 220 -5.58 -25.32 28.99
N ILE A 221 -4.30 -25.40 28.61
CA ILE A 221 -3.76 -24.39 27.71
C ILE A 221 -4.50 -24.50 26.39
N GLU A 222 -5.04 -23.39 25.91
CA GLU A 222 -5.94 -23.46 24.77
C GLU A 222 -5.18 -23.58 23.45
N ARG A 223 -4.12 -22.79 23.28
CA ARG A 223 -3.34 -22.77 22.05
C ARG A 223 -2.04 -22.04 22.34
N LEU A 224 -1.09 -22.17 21.42
CA LEU A 224 0.16 -21.42 21.48
C LEU A 224 0.43 -20.76 20.13
N CYS A 225 1.33 -19.78 20.14
CA CYS A 225 1.70 -19.12 18.90
C CYS A 225 3.20 -18.85 18.89
N PHE A 226 3.81 -19.18 17.76
CA PHE A 226 5.16 -18.80 17.39
C PHE A 226 5.10 -17.65 16.40
N TYR A 227 6.06 -16.73 16.47
CA TYR A 227 6.08 -15.57 15.58
C TYR A 227 7.46 -15.38 14.98
N LEU A 228 7.51 -15.09 13.69
CA LEU A 228 8.78 -14.78 13.04
C LEU A 228 8.62 -13.56 12.14
N PRO A 229 9.58 -12.64 12.16
CA PRO A 229 9.59 -11.54 11.20
C PRO A 229 10.28 -11.92 9.89
N PHE A 230 9.90 -11.21 8.82
CA PHE A 230 10.45 -11.43 7.48
C PHE A 230 10.58 -10.09 6.76
N LEU A 231 11.77 -9.82 6.22
CA LEU A 231 12.15 -8.45 5.86
C LEU A 231 11.29 -7.86 4.74
N ASN A 232 10.70 -8.70 3.91
CA ASN A 232 9.93 -8.24 2.76
C ASN A 232 9.13 -9.42 2.25
N ARG A 233 8.41 -9.20 1.16
CA ARG A 233 7.51 -10.23 0.62
C ARG A 233 8.25 -11.52 0.32
N GLU A 234 9.33 -11.44 -0.46
CA GLU A 234 9.91 -12.67 -0.98
C GLU A 234 10.66 -13.46 0.09
N ALA A 235 11.02 -12.84 1.22
CA ALA A 235 11.64 -13.57 2.31
C ALA A 235 10.68 -14.53 2.99
N VAL A 236 9.39 -14.41 2.72
CA VAL A 236 8.35 -15.18 3.42
C VAL A 236 8.26 -16.57 2.77
N PRO A 237 8.28 -17.64 3.56
CA PRO A 237 8.25 -18.98 2.96
C PRO A 237 6.91 -19.28 2.30
N GLN A 238 6.89 -19.13 0.98
CA GLN A 238 5.67 -19.34 0.21
C GLN A 238 5.07 -20.72 0.47
N ASN A 239 5.91 -21.74 0.65
CA ASN A 239 5.43 -23.13 0.72
C ASN A 239 4.57 -23.40 1.95
N LEU A 240 4.75 -22.65 3.04
CA LEU A 240 3.92 -22.82 4.23
C LEU A 240 2.63 -22.00 4.17
N LEU A 241 2.13 -21.63 2.99
CA LEU A 241 1.05 -20.66 2.92
C LEU A 241 -0.06 -21.11 1.98
N ASN A 242 -1.27 -21.18 2.53
CA ASN A 242 -2.57 -21.09 1.88
C ASN A 242 -2.48 -20.25 0.63
N PRO A 243 -2.98 -20.72 -0.53
CA PRO A 243 -3.00 -19.83 -1.70
C PRO A 243 -3.65 -18.47 -1.44
N LEU A 244 -4.60 -18.37 -0.50
CA LEU A 244 -5.16 -17.08 -0.12
C LEU A 244 -4.13 -16.24 0.63
N LEU A 245 -3.32 -16.88 1.47
CA LEU A 245 -2.28 -16.17 2.19
C LEU A 245 -1.08 -15.85 1.31
N LYS A 246 -0.78 -16.69 0.31
CA LYS A 246 0.26 -16.33 -0.67
C LYS A 246 -0.14 -15.04 -1.36
N LYS A 247 -1.41 -14.97 -1.77
CA LYS A 247 -1.99 -13.77 -2.36
C LYS A 247 -1.82 -12.58 -1.43
N TYR A 248 -2.12 -12.77 -0.14
CA TYR A 248 -2.02 -11.65 0.78
C TYR A 248 -0.59 -11.15 0.90
N ILE A 249 0.40 -12.05 0.81
CA ILE A 249 1.80 -11.63 0.85
C ILE A 249 2.11 -10.72 -0.32
N ASN A 250 1.39 -10.88 -1.43
CA ASN A 250 1.71 -10.18 -2.67
C ASN A 250 0.93 -8.90 -2.87
N GLU A 251 -0.30 -8.83 -2.35
CA GLU A 251 -1.15 -7.68 -2.57
C GLU A 251 -1.38 -6.80 -1.35
N ALA A 252 -0.88 -7.19 -0.17
CA ALA A 252 -1.29 -6.52 1.07
C ALA A 252 -0.86 -5.06 1.03
N PRO A 253 -1.76 -4.13 1.37
CA PRO A 253 -1.43 -2.71 1.29
C PRO A 253 -0.39 -2.29 2.32
N ALA A 254 0.46 -1.35 1.93
CA ALA A 254 1.41 -0.72 2.82
C ALA A 254 1.70 0.67 2.30
N LEU A 255 2.25 1.51 3.16
CA LEU A 255 2.75 2.82 2.73
C LEU A 255 4.25 2.75 2.48
N VAL A 256 4.68 1.70 1.78
CA VAL A 256 6.09 1.45 1.53
C VAL A 256 6.17 0.39 0.44
N ASP A 257 7.12 0.56 -0.49
CA ASP A 257 7.18 -0.28 -1.70
C ASP A 257 7.15 -1.76 -1.35
N ASN A 258 8.05 -2.22 -0.50
CA ASN A 258 8.18 -3.64 -0.18
C ASN A 258 8.19 -3.88 1.33
N PRO A 259 7.01 -3.96 1.96
CA PRO A 259 6.95 -4.03 3.43
C PRO A 259 7.37 -5.39 3.96
N GLY A 260 7.85 -5.39 5.20
CA GLY A 260 8.06 -6.63 5.92
C GLY A 260 6.75 -7.26 6.39
N PHE A 261 6.89 -8.44 6.98
CA PHE A 261 5.74 -9.14 7.51
C PHE A 261 6.12 -9.80 8.83
N ILE A 262 5.14 -9.96 9.72
CA ILE A 262 5.24 -10.89 10.83
C ILE A 262 4.25 -12.00 10.53
N LEU A 263 4.72 -13.24 10.60
CA LEU A 263 3.84 -14.39 10.48
C LEU A 263 3.70 -15.05 11.84
N GLY A 264 2.55 -15.63 12.05
CA GLY A 264 2.26 -16.33 13.29
C GLY A 264 1.74 -17.72 12.99
N TRP A 265 2.24 -18.68 13.74
CA TRP A 265 1.77 -20.05 13.63
C TRP A 265 1.09 -20.38 14.95
N SER A 266 -0.22 -20.53 14.89
CA SER A 266 -1.00 -20.92 16.03
C SER A 266 -1.15 -22.43 16.03
N PHE A 267 -0.90 -23.06 17.17
CA PHE A 267 -1.14 -24.49 17.29
C PHE A 267 -2.16 -24.75 18.40
N GLY A 268 -3.09 -25.66 18.14
CA GLY A 268 -4.05 -26.08 19.12
C GLY A 268 -4.02 -27.59 19.29
N PRO A 269 -4.96 -28.14 20.06
CA PRO A 269 -4.96 -29.59 20.31
C PRO A 269 -5.07 -30.35 19.00
N GLN A 270 -4.35 -31.47 18.91
CA GLN A 270 -4.34 -32.25 17.67
C GLN A 270 -5.74 -32.73 17.34
N GLY A 271 -6.20 -32.37 16.15
CA GLY A 271 -7.53 -32.73 15.71
C GLY A 271 -8.60 -31.78 16.16
N GLY A 272 -8.24 -30.64 16.74
CA GLY A 272 -9.23 -29.68 17.19
C GLY A 272 -9.10 -28.34 16.50
N LYS A 273 -9.48 -27.28 17.21
CA LYS A 273 -9.30 -25.92 16.74
C LYS A 273 -7.96 -25.35 17.22
N GLY A 274 -7.56 -24.23 16.61
CA GLY A 274 -6.41 -23.49 17.08
C GLY A 274 -5.12 -23.62 16.29
N THR A 275 -5.11 -24.38 15.17
CA THR A 275 -3.91 -24.58 14.35
C THR A 275 -4.13 -23.95 12.97
N TYR A 276 -3.60 -22.73 12.79
CA TYR A 276 -3.80 -21.92 11.59
C TYR A 276 -2.64 -20.92 11.53
N THR A 277 -2.65 -20.06 10.51
CA THR A 277 -1.56 -19.13 10.25
C THR A 277 -2.03 -17.67 10.24
N LYS A 278 -1.26 -16.79 10.88
CA LYS A 278 -1.53 -15.35 10.93
C LYS A 278 -0.49 -14.58 10.12
N VAL A 279 -0.95 -13.60 9.32
CA VAL A 279 -0.05 -12.81 8.48
C VAL A 279 -0.31 -11.32 8.72
N ASP A 280 0.63 -10.65 9.38
CA ASP A 280 0.61 -9.21 9.61
C ASP A 280 1.58 -8.49 8.67
N VAL A 281 1.09 -7.45 8.01
CA VAL A 281 1.91 -6.61 7.13
C VAL A 281 2.35 -5.39 7.92
N ASP A 282 3.62 -5.03 7.81
CA ASP A 282 4.15 -3.83 8.47
C ASP A 282 3.77 -2.62 7.63
N TYR A 283 2.62 -2.02 7.96
CA TYR A 283 1.95 -1.10 7.06
C TYR A 283 2.74 0.19 6.83
N HIS A 284 3.51 0.64 7.83
CA HIS A 284 4.40 1.79 7.65
C HIS A 284 5.81 1.38 7.29
N GLY A 285 6.15 0.10 7.40
CA GLY A 285 7.50 -0.34 7.16
C GLY A 285 8.46 -0.07 8.29
N ARG A 286 7.94 0.37 9.45
CA ARG A 286 8.76 0.85 10.56
C ARG A 286 8.46 0.05 11.82
N THR A 287 8.22 -1.23 11.67
CA THR A 287 7.86 -2.09 12.80
C THR A 287 8.62 -3.41 12.80
N VAL A 288 8.77 -4.05 11.64
CA VAL A 288 9.52 -5.29 11.51
C VAL A 288 11.00 -4.99 11.74
N PRO A 289 11.60 -3.97 11.09
CA PRO A 289 13.00 -3.68 11.45
C PRO A 289 13.20 -3.36 12.93
N ASN B 2 -4.73 -15.29 -17.86
CA ASN B 2 -6.10 -15.06 -17.37
C ASN B 2 -6.14 -13.77 -16.56
N ASP B 3 -5.09 -13.54 -15.78
CA ASP B 3 -4.93 -12.21 -15.19
C ASP B 3 -4.71 -11.18 -16.28
N VAL B 4 -4.02 -11.57 -17.35
CA VAL B 4 -3.79 -10.67 -18.46
C VAL B 4 -5.09 -10.43 -19.23
N ASN B 5 -5.92 -11.47 -19.35
CA ASN B 5 -7.13 -11.37 -20.15
C ASN B 5 -8.15 -10.42 -19.51
N ARG B 6 -8.33 -10.49 -18.18
CA ARG B 6 -9.25 -9.58 -17.51
C ARG B 6 -8.86 -8.11 -17.74
N ILE B 7 -7.57 -7.80 -17.82
CA ILE B 7 -7.14 -6.42 -18.07
C ILE B 7 -7.68 -5.92 -19.41
N ARG B 8 -7.63 -6.78 -20.45
CA ARG B 8 -8.22 -6.44 -21.75
C ARG B 8 -9.73 -6.24 -21.64
N THR B 9 -10.42 -7.19 -21.01
CA THR B 9 -11.85 -7.04 -20.82
C THR B 9 -12.16 -5.72 -20.13
N ASP B 10 -11.32 -5.34 -19.17
CA ASP B 10 -11.49 -4.05 -18.51
C ASP B 10 -11.30 -2.90 -19.49
N ILE B 11 -10.20 -2.91 -20.23
CA ILE B 11 -9.92 -1.78 -21.13
C ILE B 11 -11.00 -1.67 -22.19
N ILE B 12 -11.31 -2.78 -22.86
CA ILE B 12 -12.40 -2.84 -23.83
C ILE B 12 -13.66 -2.20 -23.24
N ASN B 13 -13.99 -2.57 -22.01
CA ASN B 13 -15.26 -2.13 -21.44
C ASN B 13 -15.24 -0.64 -21.06
N VAL B 14 -14.07 -0.07 -20.75
CA VAL B 14 -14.10 1.39 -20.59
C VAL B 14 -14.14 2.06 -21.95
N ALA B 15 -13.44 1.51 -22.94
CA ALA B 15 -13.57 2.03 -24.31
C ALA B 15 -15.04 2.03 -24.73
N LYS B 16 -15.69 0.88 -24.63
CA LYS B 16 -17.08 0.76 -25.04
C LYS B 16 -18.00 1.67 -24.22
N THR B 17 -17.85 1.65 -22.88
CA THR B 17 -18.78 2.37 -22.01
C THR B 17 -18.66 3.88 -22.17
N PHE B 18 -17.47 4.38 -22.51
CA PHE B 18 -17.24 5.82 -22.60
C PHE B 18 -16.92 6.26 -24.01
N GLY B 19 -17.28 5.46 -25.01
CA GLY B 19 -17.26 5.86 -26.40
C GLY B 19 -15.90 6.22 -26.98
N ALA B 20 -14.86 5.45 -26.65
CA ALA B 20 -13.56 5.63 -27.28
C ALA B 20 -13.38 4.61 -28.39
N GLU B 21 -12.90 5.05 -29.54
CA GLU B 21 -12.65 4.14 -30.64
C GLU B 21 -11.51 3.19 -30.25
N TYR B 22 -11.84 1.92 -30.11
CA TYR B 22 -10.86 0.87 -29.83
C TYR B 22 -10.56 0.10 -31.11
N SER B 23 -9.48 -0.69 -31.06
CA SER B 23 -9.19 -1.66 -32.09
C SER B 23 -8.80 -2.95 -31.41
N GLU B 24 -9.57 -4.01 -31.64
CA GLU B 24 -9.21 -5.29 -31.05
C GLU B 24 -7.91 -5.83 -31.63
N LYS B 25 -7.68 -5.59 -32.93
CA LYS B 25 -6.43 -6.03 -33.56
C LYS B 25 -5.23 -5.32 -32.95
N VAL B 26 -5.36 -4.02 -32.65
CA VAL B 26 -4.27 -3.29 -32.02
C VAL B 26 -4.07 -3.73 -30.57
N LEU B 27 -5.17 -4.01 -29.87
CA LEU B 27 -5.03 -4.50 -28.51
C LEU B 27 -4.56 -5.95 -28.44
N ASP B 28 -4.74 -6.71 -29.53
CA ASP B 28 -4.17 -8.05 -29.61
C ASP B 28 -2.64 -8.01 -29.54
N GLU B 29 -2.01 -7.30 -30.49
CA GLU B 29 -0.56 -7.31 -30.56
C GLU B 29 0.10 -6.59 -29.40
N VAL B 30 -0.61 -5.66 -28.75
CA VAL B 30 -0.11 -5.10 -27.50
C VAL B 30 -0.05 -6.20 -26.44
N PHE B 31 -1.19 -6.84 -26.17
CA PHE B 31 -1.23 -7.80 -25.08
C PHE B 31 -0.47 -9.06 -25.41
N GLN B 32 -0.38 -9.42 -26.69
CA GLN B 32 0.46 -10.54 -27.08
C GLN B 32 1.91 -10.29 -26.69
N VAL B 33 2.35 -9.03 -26.70
CA VAL B 33 3.74 -8.70 -26.46
C VAL B 33 3.95 -8.12 -25.06
N PHE B 34 3.01 -7.29 -24.59
CA PHE B 34 3.18 -6.58 -23.32
C PHE B 34 2.25 -7.07 -22.22
N GLY B 35 1.46 -8.12 -22.46
CA GLY B 35 0.41 -8.50 -21.52
C GLY B 35 0.91 -8.85 -20.13
N GLU B 36 2.00 -9.62 -20.06
CA GLU B 36 2.49 -10.05 -18.76
C GLU B 36 2.95 -8.85 -17.93
N GLN B 37 3.69 -7.93 -18.54
CA GLN B 37 4.17 -6.75 -17.84
C GLN B 37 3.04 -5.91 -17.27
N PHE B 38 1.82 -6.05 -17.81
CA PHE B 38 0.68 -5.35 -17.22
C PHE B 38 0.27 -5.99 -15.90
N ALA B 39 0.04 -7.30 -15.89
CA ALA B 39 -0.38 -7.98 -14.67
C ALA B 39 0.68 -7.92 -13.57
N ASP B 40 1.92 -7.56 -13.90
CA ASP B 40 3.06 -7.69 -13.00
C ASP B 40 3.58 -6.38 -12.43
N ASN B 41 3.33 -5.27 -13.12
CA ASN B 41 3.87 -3.97 -12.78
C ASN B 41 2.72 -3.03 -12.44
N SER B 42 3.04 -1.79 -12.07
CA SER B 42 1.98 -0.83 -11.82
C SER B 42 1.33 -0.43 -13.13
N PHE B 43 0.02 -0.16 -13.08
CA PHE B 43 -0.79 -0.09 -14.29
C PHE B 43 -2.02 0.77 -14.05
N MET B 44 -2.33 1.63 -15.04
CA MET B 44 -3.44 2.58 -14.97
C MET B 44 -4.18 2.60 -16.29
N ILE B 45 -5.50 2.79 -16.23
CA ILE B 45 -6.32 3.11 -17.40
C ILE B 45 -6.71 4.57 -17.33
N ARG B 46 -6.54 5.27 -18.46
CA ARG B 46 -6.79 6.70 -18.58
C ARG B 46 -7.94 6.95 -19.55
N THR B 47 -8.72 7.98 -19.27
CA THR B 47 -9.60 8.57 -20.26
C THR B 47 -9.33 10.07 -20.28
N SER B 48 -9.67 10.73 -21.40
CA SER B 48 -9.36 12.14 -21.53
C SER B 48 -10.53 12.88 -22.17
N ASN B 49 -10.62 14.16 -21.82
CA ASN B 49 -11.67 15.10 -22.21
C ASN B 49 -11.40 15.70 -23.60
N LYS B 50 -10.53 15.06 -24.37
CA LYS B 50 -10.04 15.72 -25.58
C LYS B 50 -11.13 16.01 -26.60
N GLN B 51 -12.24 15.27 -26.59
CA GLN B 51 -13.40 15.54 -27.45
C GLN B 51 -14.63 15.82 -26.59
N PRO B 52 -15.69 16.45 -27.16
CA PRO B 52 -16.76 17.00 -26.31
C PRO B 52 -17.58 15.97 -25.56
N ASP B 53 -18.25 15.06 -26.28
CA ASP B 53 -19.20 14.13 -25.69
C ASP B 53 -18.67 12.71 -25.60
N LYS B 54 -17.37 12.50 -25.85
CA LYS B 54 -16.78 11.20 -25.63
C LYS B 54 -15.36 11.43 -25.12
N LEU B 55 -14.69 10.33 -24.80
CA LEU B 55 -13.33 10.37 -24.30
C LEU B 55 -12.45 9.44 -25.12
N GLY B 56 -11.17 9.78 -25.16
CA GLY B 56 -10.17 8.83 -25.59
C GLY B 56 -9.81 7.92 -24.45
N CYS B 57 -9.12 6.84 -24.78
CA CYS B 57 -8.79 5.84 -23.78
C CYS B 57 -7.38 5.30 -23.99
N TYR B 58 -6.56 5.39 -22.96
CA TYR B 58 -5.18 4.96 -23.03
C TYR B 58 -4.94 4.01 -21.85
N PHE B 59 -3.92 3.17 -21.98
CA PHE B 59 -3.56 2.29 -20.87
C PHE B 59 -2.04 2.24 -20.75
N ARG B 60 -1.57 2.09 -19.51
CA ARG B 60 -0.22 2.47 -19.15
C ARG B 60 0.33 1.53 -18.11
N TYR B 61 1.63 1.28 -18.21
CA TYR B 61 2.32 0.56 -17.16
C TYR B 61 3.69 1.18 -16.98
N HIS B 62 4.26 1.00 -15.80
CA HIS B 62 5.62 1.42 -15.62
C HIS B 62 6.33 0.41 -14.74
N GLU B 63 7.61 0.26 -15.02
CA GLU B 63 8.44 -0.76 -14.45
C GLU B 63 9.42 -0.07 -13.51
N GLU B 64 9.64 -0.67 -12.34
CA GLU B 64 10.56 -0.15 -11.37
C GLU B 64 11.55 -1.19 -10.85
N ASP B 65 11.29 -2.48 -11.08
CA ASP B 65 12.27 -3.52 -10.83
C ASP B 65 13.54 -3.22 -11.63
N GLU B 66 14.62 -2.92 -10.90
CA GLU B 66 15.94 -2.66 -11.50
C GLU B 66 16.28 -3.62 -12.63
N SER B 67 16.08 -4.93 -12.42
CA SER B 67 16.53 -5.91 -13.39
C SER B 67 15.77 -5.84 -14.71
N GLN B 68 14.65 -5.10 -14.76
CA GLN B 68 13.84 -5.02 -15.96
C GLN B 68 13.96 -3.67 -16.66
N LEU B 69 14.85 -2.81 -16.19
CA LEU B 69 15.01 -1.51 -16.83
C LEU B 69 15.57 -1.71 -18.23
N GLY B 70 14.92 -1.06 -19.21
CA GLY B 70 15.29 -1.19 -20.60
C GLY B 70 14.50 -2.23 -21.35
N LEU B 71 13.73 -3.07 -20.65
CA LEU B 71 13.01 -4.15 -21.29
C LEU B 71 11.82 -3.61 -22.08
N ALA B 72 11.08 -2.66 -21.50
CA ALA B 72 9.99 -2.00 -22.21
C ALA B 72 10.41 -1.62 -23.63
N TRP B 73 11.56 -0.95 -23.75
CA TRP B 73 12.02 -0.48 -25.06
C TRP B 73 12.48 -1.62 -25.93
N ASP B 74 13.23 -2.58 -25.36
CA ASP B 74 13.64 -3.75 -26.15
C ASP B 74 12.43 -4.50 -26.68
N ILE B 75 11.37 -4.60 -25.88
CA ILE B 75 10.19 -5.35 -26.31
C ILE B 75 9.35 -4.53 -27.29
N ALA B 76 9.34 -3.21 -27.14
CA ALA B 76 8.66 -2.37 -28.13
C ALA B 76 9.24 -2.57 -29.53
N ARG B 77 10.56 -2.62 -29.67
CA ARG B 77 11.19 -2.68 -30.98
C ARG B 77 11.17 -4.10 -31.55
N LYS B 78 11.61 -5.10 -30.78
CA LYS B 78 11.69 -6.49 -31.25
C LYS B 78 10.33 -7.07 -31.64
N SER B 79 9.27 -6.28 -31.49
CA SER B 79 7.92 -6.70 -31.83
C SER B 79 7.36 -5.95 -33.01
N GLY B 80 8.00 -4.86 -33.44
CA GLY B 80 7.45 -4.03 -34.48
C GLY B 80 6.45 -3.01 -34.00
N LEU B 81 6.08 -3.03 -32.71
CA LEU B 81 5.20 -2.00 -32.17
C LEU B 81 5.85 -0.62 -32.12
N LEU B 82 7.18 -0.53 -32.33
CA LEU B 82 7.89 0.74 -32.38
C LEU B 82 9.00 0.62 -33.43
N SER B 83 8.88 1.36 -34.52
CA SER B 83 9.85 1.31 -35.60
C SER B 83 10.68 2.59 -35.63
N ASP B 84 11.90 2.45 -36.15
CA ASP B 84 12.82 3.55 -36.35
C ASP B 84 12.70 4.15 -37.76
N PRO B 88 13.72 11.79 -35.33
CA PRO B 88 13.88 12.86 -34.32
C PRO B 88 13.73 12.32 -32.90
N VAL B 89 12.53 11.86 -32.53
CA VAL B 89 12.34 11.18 -31.25
C VAL B 89 12.94 9.79 -31.20
N ASP B 90 13.33 9.22 -32.35
CA ASP B 90 13.73 7.82 -32.40
C ASP B 90 15.03 7.56 -31.64
N GLN B 91 15.91 8.55 -31.54
CA GLN B 91 17.21 8.37 -30.91
C GLN B 91 17.23 8.76 -29.43
N LEU B 92 16.09 9.14 -28.85
CA LEU B 92 16.09 9.81 -27.56
C LEU B 92 16.20 8.84 -26.38
N ILE B 93 15.44 7.74 -26.39
CA ILE B 93 15.54 6.78 -25.29
C ILE B 93 16.96 6.22 -25.18
N PRO B 94 17.64 5.80 -26.25
CA PRO B 94 19.04 5.36 -26.07
C PRO B 94 19.91 6.45 -25.47
N GLU B 95 19.83 7.68 -26.00
CA GLU B 95 20.58 8.81 -25.44
C GLU B 95 20.26 9.04 -23.96
N ILE B 96 19.01 8.77 -23.53
CA ILE B 96 18.65 9.02 -22.13
C ILE B 96 19.32 8.00 -21.22
N CYS B 97 19.28 6.73 -21.61
CA CYS B 97 19.85 5.66 -20.77
C CYS B 97 21.36 5.79 -20.65
N GLU B 98 22.04 6.29 -21.68
CA GLU B 98 23.46 6.61 -21.58
C GLU B 98 23.69 7.72 -20.56
N THR B 99 22.91 8.79 -20.68
CA THR B 99 23.24 10.05 -20.02
C THR B 99 22.90 10.01 -18.54
N PHE B 100 21.79 9.40 -18.18
CA PHE B 100 21.26 9.45 -16.83
C PHE B 100 21.08 8.04 -16.26
N PRO B 101 21.07 7.91 -14.94
CA PRO B 101 20.68 6.64 -14.31
C PRO B 101 19.16 6.56 -14.20
N ILE B 102 18.61 5.43 -14.59
CA ILE B 102 17.17 5.25 -14.77
C ILE B 102 16.63 4.39 -13.63
N MET B 103 15.59 4.89 -12.95
CA MET B 103 14.93 4.12 -11.90
C MET B 103 13.55 3.58 -12.29
N ALA B 104 12.95 4.10 -13.36
CA ALA B 104 11.69 3.54 -13.81
C ALA B 104 11.52 3.70 -15.32
N ASP B 105 11.02 2.65 -15.94
CA ASP B 105 10.63 2.51 -17.34
C ASP B 105 9.12 2.64 -17.41
N GLY B 106 8.61 2.98 -18.59
CA GLY B 106 7.17 2.82 -18.80
C GLY B 106 6.69 2.99 -20.23
N VAL B 107 5.55 2.38 -20.62
CA VAL B 107 4.96 2.58 -21.94
C VAL B 107 3.49 2.99 -21.83
N ASP B 108 3.10 3.90 -22.71
CA ASP B 108 1.72 4.38 -22.82
C ASP B 108 1.17 3.90 -24.16
N PHE B 109 -0.06 3.39 -24.14
CA PHE B 109 -0.70 2.85 -25.34
C PHE B 109 -2.00 3.57 -25.63
N ASP B 110 -2.23 3.88 -26.90
CA ASP B 110 -3.51 4.38 -27.38
C ASP B 110 -4.34 3.17 -27.83
N VAL B 111 -5.56 3.07 -27.29
CA VAL B 111 -6.44 1.94 -27.55
C VAL B 111 -6.77 1.79 -29.04
N LYS B 112 -6.88 2.91 -29.77
CA LYS B 112 -7.10 2.86 -31.22
C LYS B 112 -5.79 2.67 -31.97
N HIS B 113 -4.71 3.32 -31.53
CA HIS B 113 -3.53 3.50 -32.36
C HIS B 113 -2.28 2.76 -31.87
N GLY B 114 -2.25 2.27 -30.63
CA GLY B 114 -1.12 1.47 -30.19
C GLY B 114 -0.11 2.18 -29.31
N LEU B 115 1.17 1.77 -29.41
CA LEU B 115 2.21 2.30 -28.55
C LEU B 115 2.41 3.78 -28.82
N ALA B 116 2.12 4.61 -27.82
CA ALA B 116 2.13 6.05 -27.99
C ALA B 116 3.35 6.74 -27.39
N LYS B 117 3.73 6.39 -26.16
CA LYS B 117 4.89 6.99 -25.54
C LYS B 117 5.64 5.94 -24.73
N ILE B 118 6.94 6.19 -24.58
CA ILE B 118 7.80 5.49 -23.63
C ILE B 118 8.32 6.53 -22.64
N TRP B 119 8.37 6.14 -21.37
CA TRP B 119 8.85 7.02 -20.31
C TRP B 119 10.20 6.55 -19.81
N GLN B 120 10.95 7.51 -19.27
CA GLN B 120 12.14 7.23 -18.47
C GLN B 120 12.10 8.20 -17.30
N SER B 121 12.32 7.69 -16.09
CA SER B 121 12.39 8.57 -14.92
C SER B 121 13.74 8.41 -14.26
N ILE B 122 14.41 9.54 -14.01
CA ILE B 122 15.77 9.56 -13.46
C ILE B 122 15.76 9.00 -12.06
N LYS B 123 16.87 8.37 -11.66
CA LYS B 123 17.03 8.16 -10.22
C LYS B 123 17.64 9.44 -9.67
N GLY B 124 16.79 10.26 -9.10
CA GLY B 124 17.23 11.52 -8.58
C GLY B 124 16.72 12.65 -9.43
N VAL B 125 16.56 13.76 -8.84
CA VAL B 125 16.20 14.96 -9.56
C VAL B 125 17.48 15.57 -10.10
N VAL B 126 17.38 16.24 -11.24
CA VAL B 126 18.55 16.65 -12.00
C VAL B 126 18.28 18.06 -12.54
N PRO B 127 19.30 18.91 -12.62
CA PRO B 127 19.09 20.23 -13.24
C PRO B 127 18.72 20.05 -14.70
N VAL B 128 17.65 20.72 -15.12
CA VAL B 128 17.18 20.52 -16.48
C VAL B 128 18.28 20.87 -17.50
N GLN B 129 19.32 21.59 -17.07
CA GLN B 129 20.45 21.87 -17.96
C GLN B 129 21.18 20.61 -18.38
N ASP B 130 21.25 19.60 -17.51
CA ASP B 130 21.97 18.36 -17.81
C ASP B 130 21.45 17.66 -19.06
N ALA B 131 20.20 17.92 -19.42
CA ALA B 131 19.55 17.29 -20.56
C ALA B 131 19.74 18.09 -21.83
N PHE B 132 20.34 19.27 -21.76
CA PHE B 132 20.41 20.13 -22.94
C PHE B 132 21.27 19.55 -24.06
N LYS B 133 22.02 18.48 -23.81
CA LYS B 133 22.82 17.89 -24.88
C LYS B 133 22.17 16.66 -25.48
N LEU B 134 20.84 16.53 -25.37
CA LEU B 134 20.17 15.25 -25.51
C LEU B 134 19.28 15.14 -26.74
N SER B 135 19.42 16.03 -27.73
CA SER B 135 18.64 15.93 -28.97
C SER B 135 17.15 16.22 -28.78
N LEU B 136 16.79 16.92 -27.72
CA LEU B 136 15.42 17.33 -27.51
C LEU B 136 15.07 18.42 -28.51
N PRO B 137 13.80 18.80 -28.60
CA PRO B 137 13.45 19.92 -29.49
C PRO B 137 14.22 21.16 -29.12
N ALA B 138 14.58 21.94 -30.13
CA ALA B 138 15.32 23.18 -29.89
C ALA B 138 14.59 24.08 -28.91
N SER B 139 13.27 23.92 -28.80
CA SER B 139 12.50 24.79 -27.92
C SER B 139 12.84 24.55 -26.44
N VAL B 140 13.44 23.41 -26.09
CA VAL B 140 13.82 23.17 -24.69
C VAL B 140 14.91 24.14 -24.25
N THR B 141 16.07 24.09 -24.92
CA THR B 141 17.16 25.01 -24.58
C THR B 141 16.76 26.47 -24.77
N THR B 142 16.05 26.78 -25.85
CA THR B 142 15.70 28.20 -26.04
C THR B 142 14.70 28.68 -25.00
N HIS B 143 14.24 27.82 -24.09
CA HIS B 143 13.40 28.21 -22.98
C HIS B 143 14.13 28.04 -21.65
N SER B 144 15.46 27.93 -21.70
CA SER B 144 16.26 27.75 -20.49
C SER B 144 15.98 28.83 -19.46
N ASP B 145 15.95 30.10 -19.91
CA ASP B 145 15.64 31.21 -19.02
C ASP B 145 14.25 31.06 -18.41
N PHE B 146 13.27 30.70 -19.22
CA PHE B 146 11.91 30.57 -18.71
C PHE B 146 11.82 29.49 -17.63
N LEU B 147 12.45 28.35 -17.88
CA LEU B 147 12.43 27.23 -16.94
C LEU B 147 13.01 27.64 -15.59
N LYS B 148 14.17 28.31 -15.60
CA LYS B 148 14.76 28.83 -14.36
C LYS B 148 13.80 29.79 -13.67
N ASN B 149 13.31 30.78 -14.41
CA ASN B 149 12.53 31.84 -13.80
C ASN B 149 11.25 31.31 -13.15
N HIS B 150 10.69 30.21 -13.66
CA HIS B 150 9.49 29.65 -13.07
C HIS B 150 9.77 28.39 -12.26
N HIS B 151 11.03 28.16 -11.90
CA HIS B 151 11.44 26.99 -11.12
C HIS B 151 10.90 25.69 -11.71
N LEU B 152 10.94 25.61 -13.04
CA LEU B 152 10.67 24.37 -13.77
C LEU B 152 11.99 23.77 -14.28
N ASP B 153 12.87 23.49 -13.32
CA ASP B 153 14.24 23.09 -13.66
C ASP B 153 14.73 21.91 -12.82
N ALA B 154 13.86 21.32 -12.01
CA ALA B 154 14.19 20.09 -11.30
C ALA B 154 13.64 18.91 -12.12
N LEU B 155 14.46 18.44 -13.06
CA LEU B 155 14.05 17.43 -14.02
C LEU B 155 14.14 16.03 -13.43
N TYR B 156 13.07 15.24 -13.58
CA TYR B 156 13.10 13.86 -13.08
C TYR B 156 12.54 12.82 -14.05
N ALA B 157 12.03 13.22 -15.23
CA ALA B 157 11.53 12.19 -16.13
C ALA B 157 11.26 12.82 -17.49
N PHE B 158 11.25 11.95 -18.49
CA PHE B 158 11.03 12.25 -19.89
C PHE B 158 9.81 11.47 -20.35
N GLY B 159 8.97 12.10 -21.17
CA GLY B 159 8.00 11.36 -21.95
C GLY B 159 8.27 11.50 -23.44
N ILE B 160 8.64 10.41 -24.12
CA ILE B 160 8.93 10.41 -25.55
C ILE B 160 7.67 9.95 -26.30
N ASP B 161 7.02 10.87 -27.03
CA ASP B 161 5.73 10.60 -27.67
C ASP B 161 5.97 10.37 -29.17
N TYR B 162 5.95 9.10 -29.57
CA TYR B 162 6.21 8.74 -30.95
C TYR B 162 5.04 9.05 -31.88
N HIS B 163 3.84 9.25 -31.32
CA HIS B 163 2.66 9.54 -32.13
C HIS B 163 2.69 10.97 -32.67
N HIS B 164 3.13 11.93 -31.84
CA HIS B 164 3.19 13.33 -32.22
C HIS B 164 4.63 13.84 -32.32
N SER B 165 5.63 12.96 -32.20
CA SER B 165 7.04 13.35 -32.20
C SER B 165 7.28 14.57 -31.30
N SER B 166 6.96 14.38 -30.03
CA SER B 166 7.02 15.41 -29.01
C SER B 166 7.71 14.84 -27.79
N VAL B 167 8.07 15.73 -26.86
CA VAL B 167 8.78 15.35 -25.64
C VAL B 167 8.10 16.01 -24.45
N ASN B 168 7.82 15.21 -23.43
CA ASN B 168 7.36 15.73 -22.15
C ASN B 168 8.52 15.70 -21.17
N LEU B 169 8.81 16.87 -20.58
CA LEU B 169 9.71 16.96 -19.45
C LEU B 169 8.85 17.10 -18.19
N TYR B 170 9.18 16.34 -17.16
CA TYR B 170 8.42 16.33 -15.91
C TYR B 170 9.23 16.93 -14.77
N PHE B 171 8.60 17.78 -13.98
CA PHE B 171 9.35 18.56 -13.01
C PHE B 171 8.79 18.41 -11.60
N ASP B 172 9.70 18.52 -10.63
CA ASP B 172 9.40 18.38 -9.21
C ASP B 172 9.11 19.74 -8.58
N THR B 173 8.04 19.81 -7.79
CA THR B 173 7.57 21.06 -7.18
C THR B 173 8.28 21.29 -5.86
N TYR B 174 9.52 21.74 -5.96
CA TYR B 174 10.44 21.83 -4.83
C TYR B 174 10.39 23.17 -4.13
N HIS B 175 9.99 24.21 -4.84
CA HIS B 175 10.03 25.62 -4.46
C HIS B 175 8.79 25.99 -3.63
N PRO B 176 8.96 26.87 -2.64
CA PRO B 176 7.77 27.35 -1.91
C PRO B 176 6.68 27.91 -2.81
N LYS B 177 7.05 28.59 -3.89
CA LYS B 177 6.02 29.17 -4.75
C LYS B 177 5.15 28.09 -5.36
N HIS B 178 5.61 26.83 -5.37
CA HIS B 178 4.85 25.74 -5.97
C HIS B 178 3.63 25.36 -5.15
N HIS B 179 3.51 25.90 -3.96
CA HIS B 179 2.37 25.66 -3.09
C HIS B 179 1.50 26.90 -3.03
N THR B 180 1.74 27.86 -3.91
CA THR B 180 0.95 29.07 -3.99
C THR B 180 0.12 29.01 -5.26
N SER B 181 -1.05 29.63 -5.23
CA SER B 181 -1.90 29.64 -6.42
C SER B 181 -1.48 30.71 -7.40
N GLU B 182 -0.97 31.85 -6.91
CA GLU B 182 -0.50 32.87 -7.83
C GLU B 182 0.61 32.32 -8.75
N TYR B 183 1.44 31.40 -8.24
CA TYR B 183 2.39 30.73 -9.12
C TYR B 183 1.70 30.16 -10.36
N TYR B 184 0.58 29.44 -10.19
CA TYR B 184 -0.01 28.77 -11.35
C TYR B 184 -0.81 29.73 -12.24
N LYS B 185 -1.53 30.69 -11.66
CA LYS B 185 -2.14 31.73 -12.47
C LYS B 185 -1.07 32.44 -13.30
N ASN B 186 0.04 32.83 -12.64
CA ASN B 186 1.08 33.58 -13.33
C ASN B 186 1.78 32.74 -14.38
N LEU B 187 1.91 31.42 -14.16
CA LEU B 187 2.63 30.57 -15.10
C LEU B 187 1.81 30.33 -16.36
N LEU B 188 0.50 30.13 -16.20
CA LEU B 188 -0.38 30.05 -17.35
C LEU B 188 -0.44 31.38 -18.10
N GLN B 189 -0.38 32.50 -17.38
CA GLN B 189 -0.45 33.79 -18.05
C GLN B 189 0.84 34.09 -18.82
N ASP B 190 1.99 33.71 -18.26
CA ASP B 190 3.25 34.00 -18.94
C ASP B 190 3.38 33.20 -20.23
N LEU B 191 2.80 32.01 -20.28
CA LEU B 191 2.75 31.22 -21.51
C LEU B 191 1.60 31.61 -22.42
N GLN B 192 0.80 32.62 -22.02
CA GLN B 192 -0.44 32.99 -22.67
C GLN B 192 -1.27 31.75 -22.98
N PHE B 193 -1.29 30.81 -22.03
CA PHE B 193 -2.16 29.65 -22.08
C PHE B 193 -3.52 29.98 -21.47
N GLN B 194 -4.47 29.07 -21.70
CA GLN B 194 -5.82 29.18 -21.15
C GLN B 194 -5.77 29.34 -19.63
N PRO B 195 -6.46 30.32 -19.06
CA PRO B 195 -6.39 30.53 -17.61
C PRO B 195 -7.10 29.41 -16.86
N PRO B 196 -6.73 29.16 -15.60
CA PRO B 196 -7.37 28.11 -14.83
C PRO B 196 -8.58 28.63 -14.06
N SER B 197 -9.52 27.74 -13.79
CA SER B 197 -10.64 28.13 -12.97
C SER B 197 -10.16 28.37 -11.54
N ASP B 198 -10.93 29.17 -10.81
CA ASP B 198 -10.58 29.45 -9.42
C ASP B 198 -10.58 28.17 -8.58
N GLU B 199 -11.46 27.21 -8.88
CA GLU B 199 -11.45 25.94 -8.14
C GLU B 199 -10.17 25.15 -8.39
N LEU B 200 -9.69 25.10 -9.64
CA LEU B 200 -8.47 24.35 -9.90
C LEU B 200 -7.26 24.98 -9.22
N LEU B 201 -7.14 26.32 -9.29
CA LEU B 201 -6.06 27.02 -8.61
C LEU B 201 -6.00 26.66 -7.13
N GLU B 202 -7.16 26.59 -6.47
CA GLU B 202 -7.16 26.18 -5.07
C GLU B 202 -6.57 24.79 -4.91
N LEU B 203 -6.94 23.87 -5.81
CA LEU B 203 -6.40 22.52 -5.72
C LEU B 203 -4.92 22.49 -6.00
N LEU B 204 -4.45 23.37 -6.89
CA LEU B 204 -3.08 23.33 -7.37
C LEU B 204 -2.06 23.72 -6.30
N THR B 205 -2.49 24.26 -5.17
CA THR B 205 -1.53 24.50 -4.08
C THR B 205 -0.97 23.19 -3.54
N ASN B 206 -1.65 22.07 -3.80
CA ASN B 206 -1.13 20.75 -3.54
C ASN B 206 -0.24 20.24 -4.65
N ASN B 207 -0.27 20.91 -5.81
CA ASN B 207 0.28 20.35 -7.03
C ASN B 207 1.65 19.74 -6.78
N GLY B 208 1.86 18.55 -7.33
CA GLY B 208 3.07 17.82 -7.06
C GLY B 208 3.99 17.79 -8.24
N GLU B 209 3.40 17.73 -9.44
CA GLU B 209 4.14 17.46 -10.67
C GLU B 209 3.63 18.35 -11.78
N ILE B 210 4.56 18.94 -12.52
CA ILE B 210 4.26 19.76 -13.69
C ILE B 210 5.03 19.17 -14.87
N ALA B 211 4.33 18.95 -15.97
CA ALA B 211 4.97 18.54 -17.21
C ALA B 211 4.84 19.64 -18.27
N LEU B 212 5.91 19.80 -19.04
CA LEU B 212 5.89 20.64 -20.23
C LEU B 212 6.08 19.76 -21.45
N THR B 213 5.30 20.04 -22.48
CA THR B 213 5.40 19.36 -23.76
C THR B 213 6.17 20.22 -24.74
N PHE B 214 7.22 19.65 -25.33
CA PHE B 214 8.01 20.30 -26.37
C PHE B 214 7.88 19.50 -27.66
N ASN B 215 7.84 20.19 -28.80
CA ASN B 215 7.75 19.51 -30.09
C ASN B 215 8.90 19.96 -30.99
N PHE B 216 9.25 19.09 -31.96
CA PHE B 216 10.33 19.38 -32.91
C PHE B 216 9.88 20.32 -34.02
N ALA B 217 8.59 20.36 -34.31
CA ALA B 217 8.10 21.21 -35.38
C ALA B 217 7.77 22.62 -34.90
N SER B 218 7.99 22.93 -33.62
CA SER B 218 7.55 24.21 -33.10
C SER B 218 8.60 24.82 -32.18
N PRO B 219 8.84 26.13 -32.27
CA PRO B 219 9.76 26.81 -31.36
C PRO B 219 9.13 27.21 -30.03
N ARG B 220 7.84 26.97 -29.85
CA ARG B 220 7.05 27.32 -28.68
C ARG B 220 6.83 26.12 -27.78
N ILE B 221 6.52 26.40 -26.52
CA ILE B 221 6.08 25.33 -25.64
C ILE B 221 4.68 24.93 -26.03
N GLU B 222 4.47 23.64 -26.30
CA GLU B 222 3.21 23.22 -26.92
C GLU B 222 2.07 23.18 -25.90
N ARG B 223 2.35 22.71 -24.67
CA ARG B 223 1.35 22.61 -23.62
C ARG B 223 2.03 22.21 -22.32
N LEU B 224 1.29 22.35 -21.23
CA LEU B 224 1.73 21.92 -19.91
C LEU B 224 0.63 21.10 -19.23
N CYS B 225 1.03 20.33 -18.21
CA CYS B 225 0.06 19.54 -17.48
C CYS B 225 0.32 19.61 -15.99
N PHE B 226 -0.75 19.77 -15.20
CA PHE B 226 -0.72 19.63 -13.74
C PHE B 226 -1.37 18.30 -13.32
N TYR B 227 -0.74 17.59 -12.39
CA TYR B 227 -1.22 16.29 -11.90
C TYR B 227 -1.55 16.34 -10.43
N LEU B 228 -2.62 15.66 -10.03
CA LEU B 228 -2.96 15.60 -8.61
C LEU B 228 -3.48 14.21 -8.24
N PRO B 229 -2.95 13.59 -7.19
CA PRO B 229 -3.46 12.29 -6.77
C PRO B 229 -4.63 12.44 -5.82
N PHE B 230 -5.56 11.49 -5.91
CA PHE B 230 -6.69 11.44 -4.98
C PHE B 230 -6.83 10.01 -4.50
N LEU B 231 -6.92 9.84 -3.18
CA LEU B 231 -6.59 8.55 -2.58
C LEU B 231 -7.68 7.50 -2.73
N ASN B 232 -8.87 7.86 -3.22
CA ASN B 232 -9.93 6.89 -3.49
C ASN B 232 -11.02 7.60 -4.27
N ARG B 233 -12.06 6.84 -4.64
CA ARG B 233 -13.09 7.34 -5.54
C ARG B 233 -13.68 8.67 -5.05
N GLU B 234 -14.05 8.72 -3.77
CA GLU B 234 -14.70 9.90 -3.23
C GLU B 234 -13.75 11.01 -2.88
N ALA B 235 -12.43 10.75 -2.88
CA ALA B 235 -11.46 11.83 -2.75
C ALA B 235 -11.43 12.73 -3.98
N VAL B 236 -12.07 12.34 -5.07
CA VAL B 236 -11.98 13.07 -6.34
C VAL B 236 -12.99 14.21 -6.35
N PRO B 237 -12.56 15.45 -6.65
CA PRO B 237 -13.46 16.60 -6.69
C PRO B 237 -14.26 16.64 -7.98
N GLN B 238 -15.54 16.26 -7.89
CA GLN B 238 -16.32 15.92 -9.07
C GLN B 238 -16.53 17.13 -9.99
N ASN B 239 -16.72 18.32 -9.41
CA ASN B 239 -17.22 19.45 -10.19
C ASN B 239 -16.28 19.87 -11.32
N LEU B 240 -15.01 19.47 -11.26
CA LEU B 240 -14.07 19.80 -12.32
C LEU B 240 -14.19 18.88 -13.52
N LEU B 241 -15.17 17.98 -13.52
CA LEU B 241 -15.34 16.96 -14.54
C LEU B 241 -16.72 17.10 -15.16
N ASN B 242 -16.78 16.92 -16.48
CA ASN B 242 -18.08 16.77 -17.13
C ASN B 242 -18.73 15.46 -16.64
N PRO B 243 -20.04 15.31 -16.83
CA PRO B 243 -20.71 14.11 -16.31
C PRO B 243 -20.11 12.80 -16.81
N LEU B 244 -19.57 12.76 -18.03
CA LEU B 244 -18.95 11.54 -18.51
C LEU B 244 -17.71 11.19 -17.68
N LEU B 245 -16.85 12.17 -17.43
CA LEU B 245 -15.70 11.88 -16.58
C LEU B 245 -16.12 11.57 -15.15
N LYS B 246 -17.19 12.21 -14.67
CA LYS B 246 -17.74 11.85 -13.36
C LYS B 246 -18.07 10.37 -13.29
N LYS B 247 -18.72 9.84 -14.34
CA LYS B 247 -19.09 8.43 -14.35
C LYS B 247 -17.85 7.54 -14.34
N TYR B 248 -16.79 7.97 -15.02
CA TYR B 248 -15.55 7.21 -14.97
C TYR B 248 -15.06 7.06 -13.54
N ILE B 249 -15.11 8.15 -12.77
CA ILE B 249 -14.71 8.10 -11.36
C ILE B 249 -15.45 6.98 -10.62
N ASN B 250 -16.76 6.85 -10.85
CA ASN B 250 -17.55 5.83 -10.13
C ASN B 250 -17.38 4.44 -10.72
N GLU B 251 -17.06 4.33 -12.01
CA GLU B 251 -17.11 3.03 -12.68
C GLU B 251 -15.78 2.64 -13.34
N ALA B 252 -14.69 3.34 -13.09
CA ALA B 252 -13.39 2.86 -13.53
C ALA B 252 -13.06 1.55 -12.83
N PRO B 253 -12.51 0.57 -13.53
CA PRO B 253 -12.27 -0.73 -12.91
C PRO B 253 -10.90 -0.82 -12.25
N ALA B 254 -10.80 -1.72 -11.28
CA ALA B 254 -9.55 -2.04 -10.62
C ALA B 254 -9.73 -3.34 -9.85
N LEU B 255 -8.62 -3.85 -9.32
CA LEU B 255 -8.60 -5.11 -8.59
C LEU B 255 -8.98 -4.93 -7.13
N VAL B 256 -9.05 -3.67 -6.68
CA VAL B 256 -9.58 -3.31 -5.38
C VAL B 256 -10.85 -2.49 -5.58
N ASP B 257 -11.81 -2.69 -4.67
CA ASP B 257 -13.11 -2.02 -4.75
C ASP B 257 -12.97 -0.50 -4.83
N ASN B 258 -11.96 0.09 -4.18
CA ASN B 258 -11.79 1.54 -4.12
C ASN B 258 -10.35 1.97 -4.39
N PRO B 259 -9.99 2.23 -5.65
CA PRO B 259 -8.62 2.63 -5.99
C PRO B 259 -8.42 4.14 -5.98
N GLY B 260 -7.15 4.53 -5.97
CA GLY B 260 -6.80 5.93 -6.08
C GLY B 260 -6.90 6.42 -7.51
N PHE B 261 -6.62 7.71 -7.69
CA PHE B 261 -6.76 8.36 -8.98
C PHE B 261 -5.68 9.43 -9.14
N ILE B 262 -5.28 9.63 -10.38
CA ILE B 262 -4.47 10.77 -10.77
C ILE B 262 -5.27 11.54 -11.81
N LEU B 263 -5.55 12.80 -11.52
CA LEU B 263 -6.21 13.68 -12.45
C LEU B 263 -5.16 14.64 -13.00
N GLY B 264 -5.14 14.75 -14.32
CA GLY B 264 -4.24 15.65 -14.99
C GLY B 264 -5.05 16.71 -15.71
N TRP B 265 -4.59 17.96 -15.61
CA TRP B 265 -5.18 19.11 -16.27
C TRP B 265 -4.21 19.62 -17.34
N SER B 266 -4.55 19.39 -18.59
CA SER B 266 -3.73 19.87 -19.69
C SER B 266 -4.11 21.31 -20.01
N PHE B 267 -3.11 22.13 -20.31
CA PHE B 267 -3.33 23.51 -20.70
C PHE B 267 -2.50 23.85 -21.93
N GLY B 268 -3.13 24.51 -22.89
CA GLY B 268 -2.46 25.00 -24.06
C GLY B 268 -2.80 26.46 -24.32
N PRO B 269 -2.35 27.02 -25.45
CA PRO B 269 -2.58 28.45 -25.70
C PRO B 269 -4.06 28.82 -25.71
N GLN B 270 -4.32 30.09 -25.41
CA GLN B 270 -5.69 30.58 -25.39
C GLN B 270 -6.24 30.64 -26.81
N GLY B 271 -7.46 30.13 -26.99
CA GLY B 271 -8.04 29.94 -28.30
C GLY B 271 -7.71 28.63 -28.97
N GLY B 272 -6.57 28.02 -28.63
CA GLY B 272 -6.12 26.78 -29.22
C GLY B 272 -6.75 25.58 -28.56
N LYS B 273 -6.06 24.44 -28.63
CA LYS B 273 -6.36 23.31 -27.77
C LYS B 273 -5.21 23.14 -26.76
N GLY B 274 -5.01 21.92 -26.27
CA GLY B 274 -4.16 21.66 -25.13
C GLY B 274 -4.86 21.73 -23.80
N THR B 275 -6.17 22.08 -23.76
CA THR B 275 -6.89 22.29 -22.50
C THR B 275 -8.02 21.28 -22.36
N TYR B 276 -7.76 20.22 -21.62
CA TYR B 276 -8.72 19.14 -21.39
C TYR B 276 -8.30 18.46 -20.09
N THR B 277 -9.05 17.46 -19.67
CA THR B 277 -8.74 16.75 -18.43
C THR B 277 -8.48 15.27 -18.70
N LYS B 278 -7.46 14.72 -18.05
CA LYS B 278 -7.15 13.31 -18.13
C LYS B 278 -7.34 12.70 -16.75
N VAL B 279 -7.93 11.50 -16.71
CA VAL B 279 -8.25 10.81 -15.47
C VAL B 279 -7.65 9.40 -15.55
N ASP B 280 -6.86 9.05 -14.54
CA ASP B 280 -6.20 7.75 -14.44
C ASP B 280 -6.67 7.03 -13.20
N VAL B 281 -7.16 5.80 -13.37
CA VAL B 281 -7.46 4.95 -12.23
C VAL B 281 -6.23 4.09 -11.91
N ASP B 282 -5.95 3.96 -10.62
CA ASP B 282 -4.83 3.15 -10.15
C ASP B 282 -5.29 1.69 -10.20
N TYR B 283 -5.05 1.03 -11.34
CA TYR B 283 -5.64 -0.29 -11.55
C TYR B 283 -5.05 -1.29 -10.57
N HIS B 284 -3.74 -1.25 -10.38
CA HIS B 284 -3.08 -1.90 -9.26
C HIS B 284 -1.62 -1.47 -9.24
N GLY B 285 -0.91 -1.89 -8.20
CA GLY B 285 0.46 -1.50 -7.94
C GLY B 285 0.62 -0.48 -6.83
N ARG B 286 -0.48 0.06 -6.31
CA ARG B 286 -0.48 1.09 -5.27
C ARG B 286 0.39 2.28 -5.68
N THR B 287 0.26 2.68 -6.94
CA THR B 287 0.97 3.86 -7.40
C THR B 287 0.54 5.10 -6.62
N VAL B 288 -0.78 5.29 -6.49
CA VAL B 288 -1.31 6.49 -5.83
C VAL B 288 -0.95 6.47 -4.34
N PRO B 289 -1.20 5.38 -3.60
CA PRO B 289 -0.91 5.43 -2.16
C PRO B 289 0.52 5.84 -1.81
N LEU B 290 1.50 5.55 -2.68
CA LEU B 290 2.88 5.99 -2.43
C LEU B 290 3.06 7.35 -3.10
N PHE B 291 2.52 8.38 -2.43
CA PHE B 291 2.76 9.77 -2.77
C PHE B 291 3.14 10.55 -1.51
PA GST C . -3.85 -13.94 18.75
O1A GST C . -5.32 -13.63 18.60
O2A GST C . -3.16 -14.75 17.64
O3A GST C . -3.53 -14.43 20.15
O1B GST C . -3.15 -12.49 18.60
PB GST C . -1.54 -12.41 18.66
O2B GST C . -1.02 -13.47 17.56
O3B GST C . -1.09 -12.76 20.02
S1 GST C . -0.89 -10.52 18.20
C1 GST C . 0.65 -10.29 19.00
C2 GST C . 1.86 -10.48 18.11
C3 GST C . 2.18 -9.84 16.96
C10 GST C . 3.47 -10.22 16.30
C4 GST C . 1.32 -8.83 16.23
C5 GST C . 1.15 -7.49 16.93
C6 GST C . 2.46 -6.76 17.10
C7 GST C . 2.53 -5.42 17.01
C9 GST C . 1.29 -4.62 16.72
C8 GST C . 3.86 -4.74 17.20
MG MG D . 3.30 6.73 19.38
PA GST E . 0.39 13.33 -22.40
O1A GST E . 1.43 14.37 -22.11
O2A GST E . 0.86 12.42 -23.52
O3A GST E . -1.02 13.84 -22.59
O1B GST E . 0.41 12.31 -21.14
PB GST E . 1.05 12.39 -19.67
O2B GST E . 2.36 13.01 -19.80
O3B GST E . 0.09 13.21 -18.66
S1 GST E . 1.41 10.51 -18.99
C1 GST E . 2.12 10.66 -17.37
C2 GST E . 1.05 10.77 -16.31
C3 GST E . 0.74 9.80 -15.44
C10 GST E . -0.31 10.06 -14.41
C4 GST E . 1.43 8.46 -15.44
C5 GST E . 0.96 7.59 -14.26
C6 GST E . 2.15 7.00 -13.49
C7 GST E . 2.73 7.60 -12.43
C9 GST E . 2.25 8.96 -11.98
C8 GST E . 3.88 6.94 -11.72
C10 8XL F . 7.73 6.81 -15.32
C13 8XL F . 6.53 9.26 -14.56
C01 8XL F . 2.37 11.97 -13.54
N02 8XL F . 3.45 12.03 -13.22
C03 8XL F . 4.82 12.08 -12.79
C04 8XL F . 5.84 11.44 -13.33
C05 8XL F . 5.75 10.44 -14.47
C06 8XL F . 4.93 10.49 -15.58
N07 8XL F . 5.19 9.41 -16.29
C08 8XL F . 6.16 8.64 -15.71
C09 8XL F . 6.75 7.40 -16.10
C11 8XL F . 8.10 7.46 -14.14
C12 8XL F . 7.52 8.67 -13.74
MG MG G . 8.04 -4.40 -11.61
#